data_1BKN
#
_entry.id   1BKN
#
_cell.length_a   87.200
_cell.length_b   93.200
_cell.length_c   221.700
_cell.angle_alpha   90.00
_cell.angle_beta   90.00
_cell.angle_gamma   90.00
#
_symmetry.space_group_name_H-M   'I 21 21 21'
#
loop_
_entity.id
_entity.type
_entity.pdbx_description
1 polymer MUTL
2 water water
#
_entity_poly.entity_id   1
_entity_poly.type   'polypeptide(L)'
_entity_poly.pdbx_seq_one_letter_code
;GSHMPIQVLPPQLANQIAAGEVVERPASVVKELVENSLDAGATRIDIDIERGGAKLIRIRDNGCGIKKDELALALARHAT
SKIASLDDLEAIISLGFRGEALASISSVSRLTLTSRTAEQQEAWQAYAEGRDMNVTVKPAAHPVGTTLEVLDLFYNTPAR
RKFLRTEKTEFNHIDEIIRRIALARFDVTINLSHNGKIVRQYRAVPEGGQKERRLGAICGTAFLEQALAIEWQHGDLTLR
GWVADPNHTTPALAEIQYCYVNGRMMRDRLINHAIRQACEDKLGADQQPAFVLYLEIDPHQVDVNVHPAKHEVRFHQSRL
VHDFIYQGVLSVLQQQLETPLPLDDEPQPAPR
;
_entity_poly.pdbx_strand_id   A,B
#
# COMPACT_ATOMS: atom_id res chain seq x y z
N VAL A 23 -27.75 4.92 5.67
CA VAL A 23 -26.83 4.70 4.52
C VAL A 23 -27.04 5.74 3.42
N GLU A 24 -26.94 7.02 3.81
CA GLU A 24 -27.12 8.13 2.88
C GLU A 24 -25.90 8.41 2.00
N ARG A 25 -24.81 8.87 2.61
CA ARG A 25 -23.58 9.19 1.88
C ARG A 25 -22.74 7.93 1.65
N PRO A 26 -21.78 7.99 0.71
CA PRO A 26 -20.95 6.80 0.47
C PRO A 26 -20.10 6.51 1.69
N ALA A 27 -19.54 7.57 2.27
CA ALA A 27 -18.70 7.46 3.45
C ALA A 27 -19.43 6.60 4.48
N SER A 28 -20.69 6.96 4.74
CA SER A 28 -21.51 6.23 5.70
C SER A 28 -21.50 4.74 5.39
N VAL A 29 -21.67 4.40 4.12
CA VAL A 29 -21.68 3.02 3.67
C VAL A 29 -20.34 2.36 3.97
N VAL A 30 -19.27 3.11 3.74
CA VAL A 30 -17.94 2.60 4.00
C VAL A 30 -17.90 2.22 5.47
N LYS A 31 -18.32 3.16 6.31
CA LYS A 31 -18.35 2.96 7.75
C LYS A 31 -19.09 1.67 8.09
N GLU A 32 -20.27 1.51 7.51
CA GLU A 32 -21.08 0.32 7.75
C GLU A 32 -20.27 -0.93 7.41
N LEU A 33 -20.03 -1.14 6.13
CA LEU A 33 -19.29 -2.30 5.67
C LEU A 33 -18.01 -2.53 6.47
N VAL A 34 -17.29 -1.44 6.75
CA VAL A 34 -16.04 -1.53 7.51
C VAL A 34 -16.35 -1.99 8.93
N GLU A 35 -17.44 -1.46 9.48
CA GLU A 35 -17.85 -1.83 10.84
C GLU A 35 -18.18 -3.32 10.82
N ASN A 36 -19.05 -3.72 9.90
CA ASN A 36 -19.45 -5.11 9.78
C ASN A 36 -18.22 -6.01 9.84
N SER A 37 -17.25 -5.69 9.00
CA SER A 37 -16.00 -6.45 8.94
C SER A 37 -15.33 -6.57 10.30
N LEU A 38 -15.24 -5.46 11.02
CA LEU A 38 -14.61 -5.45 12.33
C LEU A 38 -15.33 -6.39 13.30
N ASP A 39 -16.65 -6.24 13.40
CA ASP A 39 -17.46 -7.05 14.28
C ASP A 39 -17.40 -8.50 13.83
N ALA A 40 -17.09 -8.70 12.56
CA ALA A 40 -16.99 -10.03 12.00
C ALA A 40 -15.69 -10.70 12.45
N GLY A 41 -14.84 -9.94 13.11
CA GLY A 41 -13.57 -10.47 13.59
C GLY A 41 -12.40 -10.15 12.68
N ALA A 42 -12.55 -9.09 11.89
CA ALA A 42 -11.52 -8.67 10.95
C ALA A 42 -10.23 -8.20 11.62
N THR A 43 -9.10 -8.54 11.02
CA THR A 43 -7.80 -8.16 11.55
C THR A 43 -7.02 -7.35 10.51
N ARG A 44 -7.54 -7.36 9.28
CA ARG A 44 -6.95 -6.64 8.16
C ARG A 44 -8.11 -6.26 7.26
N ILE A 45 -8.27 -4.96 7.01
CA ILE A 45 -9.36 -4.51 6.15
C ILE A 45 -8.84 -3.61 5.06
N ASP A 46 -8.70 -4.17 3.87
CA ASP A 46 -8.22 -3.42 2.72
C ASP A 46 -9.42 -2.88 1.95
N ILE A 47 -9.71 -1.61 2.18
CA ILE A 47 -10.83 -0.97 1.52
C ILE A 47 -10.32 -0.06 0.40
N ASP A 48 -10.82 -0.30 -0.81
CA ASP A 48 -10.43 0.49 -1.98
C ASP A 48 -11.64 1.27 -2.48
N ILE A 49 -11.39 2.47 -2.97
CA ILE A 49 -12.48 3.32 -3.47
C ILE A 49 -12.13 3.92 -4.83
N GLU A 50 -13.16 4.20 -5.62
CA GLU A 50 -12.99 4.77 -6.94
C GLU A 50 -14.03 5.86 -7.18
N ARG A 51 -13.54 7.05 -7.52
CA ARG A 51 -14.42 8.20 -7.79
C ARG A 51 -15.36 8.51 -6.64
N GLY A 52 -14.80 8.95 -5.51
CA GLY A 52 -15.62 9.27 -4.36
C GLY A 52 -16.47 8.11 -3.90
N GLY A 53 -16.12 6.91 -4.33
CA GLY A 53 -16.87 5.73 -3.95
C GLY A 53 -18.08 5.48 -4.82
N ALA A 54 -18.57 6.54 -5.45
CA ALA A 54 -19.74 6.46 -6.34
C ALA A 54 -19.59 5.34 -7.35
N LYS A 55 -18.39 5.22 -7.93
CA LYS A 55 -18.12 4.19 -8.92
C LYS A 55 -17.86 2.84 -8.27
N LEU A 56 -16.75 2.74 -7.53
CA LEU A 56 -16.41 1.50 -6.87
C LEU A 56 -16.17 1.68 -5.37
N ILE A 57 -16.51 0.65 -4.61
CA ILE A 57 -16.33 0.62 -3.16
C ILE A 57 -16.12 -0.83 -2.78
N ARG A 58 -14.87 -1.23 -2.56
CA ARG A 58 -14.57 -2.62 -2.21
C ARG A 58 -13.98 -2.77 -0.82
N ILE A 59 -14.55 -3.70 -0.05
CA ILE A 59 -14.07 -3.96 1.30
C ILE A 59 -13.77 -5.45 1.42
N ARG A 60 -12.49 -5.75 1.63
CA ARG A 60 -12.06 -7.13 1.77
C ARG A 60 -11.48 -7.31 3.17
N ASP A 61 -12.13 -8.17 3.96
CA ASP A 61 -11.68 -8.43 5.33
C ASP A 61 -11.29 -9.89 5.51
N ASN A 62 -10.46 -10.15 6.51
CA ASN A 62 -10.00 -11.50 6.80
C ASN A 62 -10.76 -12.02 8.01
N GLY A 63 -11.94 -11.47 8.25
CA GLY A 63 -12.75 -11.88 9.38
C GLY A 63 -13.62 -13.09 9.04
N CYS A 64 -14.63 -13.33 9.87
CA CYS A 64 -15.54 -14.45 9.65
C CYS A 64 -16.17 -14.41 8.27
N GLY A 65 -16.69 -15.55 7.84
CA GLY A 65 -17.32 -15.62 6.54
C GLY A 65 -18.83 -15.75 6.58
N ILE A 66 -19.39 -16.14 5.44
CA ILE A 66 -20.83 -16.32 5.30
C ILE A 66 -21.13 -17.60 4.51
N LYS A 67 -21.79 -18.54 5.16
CA LYS A 67 -22.15 -19.82 4.53
C LYS A 67 -22.97 -19.58 3.26
N LYS A 68 -22.65 -20.32 2.21
CA LYS A 68 -23.33 -20.20 0.92
C LYS A 68 -24.81 -19.85 1.00
N ASP A 69 -25.53 -20.56 1.86
CA ASP A 69 -26.96 -20.34 2.02
C ASP A 69 -27.27 -18.89 2.42
N GLU A 70 -26.65 -18.45 3.50
CA GLU A 70 -26.84 -17.09 4.00
C GLU A 70 -26.56 -16.02 2.95
N LEU A 71 -25.57 -16.29 2.10
CA LEU A 71 -25.21 -15.35 1.04
C LEU A 71 -26.42 -14.91 0.23
N ALA A 72 -27.20 -15.89 -0.22
CA ALA A 72 -28.40 -15.64 -1.02
C ALA A 72 -29.30 -14.55 -0.44
N LEU A 73 -30.08 -14.90 0.58
CA LEU A 73 -31.00 -13.95 1.20
C LEU A 73 -30.31 -12.70 1.73
N ALA A 74 -29.00 -12.77 1.94
CA ALA A 74 -28.23 -11.65 2.45
C ALA A 74 -28.36 -10.45 1.52
N LEU A 75 -28.71 -10.72 0.27
CA LEU A 75 -28.87 -9.69 -0.73
C LEU A 75 -30.35 -9.33 -0.91
N ALA A 76 -31.19 -10.36 -0.88
CA ALA A 76 -32.63 -10.18 -1.03
C ALA A 76 -33.18 -9.20 0.00
N ILE A 83 -41.21 -11.42 4.08
CA ILE A 83 -40.62 -12.26 5.17
C ILE A 83 -41.01 -13.73 4.97
N ALA A 84 -41.94 -13.96 4.05
CA ALA A 84 -42.43 -15.30 3.76
C ALA A 84 -41.31 -16.28 3.43
N SER A 85 -40.19 -15.79 2.90
CA SER A 85 -39.05 -16.64 2.53
C SER A 85 -38.21 -17.12 3.71
N LEU A 86 -38.25 -16.37 4.81
CA LEU A 86 -37.48 -16.74 6.01
C LEU A 86 -38.23 -17.82 6.78
N ASP A 87 -39.45 -18.11 6.34
CA ASP A 87 -40.30 -19.12 6.96
C ASP A 87 -39.60 -20.47 6.81
N ASP A 88 -39.09 -20.71 5.61
CA ASP A 88 -38.38 -21.94 5.30
C ASP A 88 -36.96 -21.86 5.86
N LEU A 89 -36.31 -20.73 5.62
CA LEU A 89 -34.95 -20.48 6.08
C LEU A 89 -34.78 -20.83 7.55
N GLU A 90 -35.89 -20.83 8.30
CA GLU A 90 -35.88 -21.15 9.72
C GLU A 90 -34.87 -20.33 10.51
N ALA A 91 -35.12 -19.02 10.58
CA ALA A 91 -34.28 -18.11 11.32
C ALA A 91 -32.78 -18.32 11.14
N ILE A 92 -32.31 -18.23 9.90
CA ILE A 92 -30.89 -18.37 9.63
C ILE A 92 -30.40 -16.94 9.38
N ILE A 93 -31.37 -16.05 9.16
CA ILE A 93 -31.10 -14.64 8.93
C ILE A 93 -30.73 -14.01 10.26
N SER A 94 -30.78 -14.83 11.31
CA SER A 94 -30.43 -14.39 12.65
C SER A 94 -28.91 -14.42 12.74
N LEU A 95 -28.29 -15.10 11.79
CA LEU A 95 -26.85 -15.19 11.72
C LEU A 95 -26.38 -14.10 10.75
N GLY A 96 -27.11 -12.98 10.75
CA GLY A 96 -26.77 -11.89 9.86
C GLY A 96 -27.35 -10.55 10.26
N PHE A 97 -26.70 -9.90 11.22
CA PHE A 97 -27.12 -8.59 11.69
C PHE A 97 -26.70 -7.63 10.57
N ARG A 98 -25.53 -7.91 10.00
CA ARG A 98 -25.00 -7.11 8.91
C ARG A 98 -25.81 -7.45 7.66
N GLY A 99 -26.23 -8.72 7.57
CA GLY A 99 -27.01 -9.17 6.44
C GLY A 99 -28.18 -8.25 6.21
N GLU A 100 -28.85 -7.88 7.29
CA GLU A 100 -29.98 -6.99 7.21
C GLU A 100 -29.52 -5.67 6.57
N ALA A 101 -28.36 -5.19 7.02
CA ALA A 101 -27.79 -3.95 6.51
C ALA A 101 -27.46 -4.08 5.03
N LEU A 102 -26.95 -5.23 4.64
CA LEU A 102 -26.58 -5.48 3.25
C LEU A 102 -27.79 -5.25 2.34
N ALA A 103 -28.93 -5.83 2.71
CA ALA A 103 -30.15 -5.68 1.93
C ALA A 103 -30.41 -4.20 1.63
N SER A 104 -30.29 -3.36 2.66
CA SER A 104 -30.51 -1.93 2.51
C SER A 104 -29.56 -1.33 1.49
N ILE A 105 -28.34 -1.86 1.44
CA ILE A 105 -27.32 -1.37 0.51
C ILE A 105 -27.55 -1.89 -0.90
N SER A 106 -27.48 -3.20 -1.06
CA SER A 106 -27.66 -3.85 -2.36
C SER A 106 -28.83 -3.25 -3.13
N SER A 107 -29.82 -2.74 -2.41
CA SER A 107 -30.98 -2.14 -3.05
C SER A 107 -30.73 -0.67 -3.41
N VAL A 108 -29.47 -0.36 -3.71
CA VAL A 108 -29.07 1.01 -4.07
C VAL A 108 -27.86 1.01 -5.00
N SER A 109 -27.32 -0.18 -5.28
CA SER A 109 -26.14 -0.30 -6.13
C SER A 109 -25.85 -1.75 -6.55
N ARG A 110 -24.93 -1.90 -7.49
CA ARG A 110 -24.54 -3.21 -7.98
C ARG A 110 -23.71 -3.95 -6.95
N LEU A 111 -24.38 -4.57 -5.99
CA LEU A 111 -23.72 -5.32 -4.94
C LEU A 111 -23.20 -6.65 -5.45
N THR A 112 -21.99 -6.99 -5.06
CA THR A 112 -21.37 -8.24 -5.48
C THR A 112 -20.72 -8.93 -4.31
N LEU A 113 -21.54 -9.45 -3.39
CA LEU A 113 -21.02 -10.14 -2.22
C LEU A 113 -20.25 -11.39 -2.61
N THR A 114 -19.19 -11.67 -1.87
CA THR A 114 -18.38 -12.86 -2.13
C THR A 114 -17.52 -13.20 -0.92
N SER A 115 -17.88 -14.29 -0.25
CA SER A 115 -17.14 -14.72 0.92
C SER A 115 -17.01 -16.23 0.98
N ARG A 116 -16.25 -16.70 1.97
CA ARG A 116 -16.04 -18.11 2.19
C ARG A 116 -15.71 -18.28 3.67
N THR A 117 -16.50 -19.07 4.36
CA THR A 117 -16.29 -19.29 5.80
C THR A 117 -15.09 -20.15 6.15
N ALA A 118 -14.84 -20.25 7.44
CA ALA A 118 -13.73 -21.01 7.98
C ALA A 118 -13.89 -22.54 7.99
N GLU A 119 -14.96 -23.07 8.59
CA GLU A 119 -15.16 -24.53 8.63
C GLU A 119 -15.17 -25.18 7.24
N GLN A 120 -14.82 -26.47 7.19
CA GLN A 120 -14.79 -27.25 5.94
C GLN A 120 -15.69 -26.60 4.89
N GLN A 121 -15.09 -25.81 3.99
CA GLN A 121 -15.88 -25.15 2.97
C GLN A 121 -15.06 -24.62 1.79
N GLU A 122 -15.80 -24.26 0.75
CA GLU A 122 -15.25 -23.70 -0.48
C GLU A 122 -15.80 -22.27 -0.56
N ALA A 123 -15.21 -21.43 -1.40
CA ALA A 123 -15.67 -20.05 -1.52
C ALA A 123 -16.90 -19.91 -2.40
N TRP A 124 -17.71 -18.91 -2.12
CA TRP A 124 -18.93 -18.67 -2.89
C TRP A 124 -19.07 -17.20 -3.26
N GLN A 125 -20.05 -16.90 -4.10
CA GLN A 125 -20.26 -15.54 -4.55
C GLN A 125 -21.71 -15.30 -4.99
N ALA A 126 -22.27 -14.17 -4.58
CA ALA A 126 -23.65 -13.80 -4.93
C ALA A 126 -23.67 -12.54 -5.78
N TYR A 127 -24.66 -12.42 -6.65
CA TYR A 127 -24.76 -11.28 -7.54
C TYR A 127 -26.10 -10.56 -7.42
N ALA A 128 -26.31 -9.60 -8.32
CA ALA A 128 -27.53 -8.80 -8.37
C ALA A 128 -27.56 -7.76 -7.24
N VAL A 135 -28.79 -12.48 -6.79
CA VAL A 135 -29.83 -13.52 -7.00
C VAL A 135 -29.18 -14.81 -7.51
N THR A 136 -27.93 -14.71 -7.90
CA THR A 136 -27.20 -15.85 -8.46
C THR A 136 -26.03 -16.27 -7.59
N VAL A 137 -26.25 -17.28 -6.76
CA VAL A 137 -25.18 -17.74 -5.89
C VAL A 137 -24.42 -18.90 -6.54
N LYS A 138 -23.16 -18.64 -6.88
CA LYS A 138 -22.30 -19.64 -7.50
C LYS A 138 -20.98 -19.72 -6.75
N PRO A 139 -20.19 -20.78 -7.00
CA PRO A 139 -18.91 -20.91 -6.31
C PRO A 139 -17.90 -19.92 -6.88
N ALA A 140 -16.73 -19.84 -6.23
CA ALA A 140 -15.68 -18.95 -6.67
C ALA A 140 -14.44 -19.20 -5.83
N ALA A 141 -13.45 -18.35 -6.00
CA ALA A 141 -12.19 -18.46 -5.26
C ALA A 141 -12.07 -17.25 -4.34
N HIS A 142 -11.62 -17.48 -3.11
CA HIS A 142 -11.46 -16.41 -2.13
C HIS A 142 -10.93 -17.01 -0.83
N PRO A 143 -10.00 -16.30 -0.17
CA PRO A 143 -9.47 -16.82 1.09
C PRO A 143 -10.53 -16.73 2.17
N VAL A 144 -10.28 -17.38 3.31
CA VAL A 144 -11.22 -17.35 4.42
C VAL A 144 -11.48 -15.90 4.82
N GLY A 145 -12.38 -15.24 4.10
CA GLY A 145 -12.69 -13.85 4.39
C GLY A 145 -13.91 -13.38 3.64
N THR A 146 -14.00 -12.08 3.39
CA THR A 146 -15.14 -11.51 2.68
C THR A 146 -14.73 -10.31 1.83
N THR A 147 -15.48 -10.07 0.77
CA THR A 147 -15.22 -8.96 -0.14
C THR A 147 -16.56 -8.45 -0.66
N LEU A 148 -16.64 -7.15 -0.93
CA LEU A 148 -17.89 -6.58 -1.44
C LEU A 148 -17.66 -5.46 -2.44
N GLU A 149 -18.21 -5.62 -3.64
CA GLU A 149 -18.08 -4.61 -4.68
C GLU A 149 -19.35 -3.75 -4.69
N VAL A 150 -19.18 -2.45 -4.85
CA VAL A 150 -20.31 -1.54 -4.85
C VAL A 150 -20.20 -0.45 -5.91
N LEU A 151 -21.12 -0.47 -6.87
CA LEU A 151 -21.15 0.50 -7.95
C LEU A 151 -22.53 1.14 -7.94
N ASP A 152 -22.67 2.21 -7.18
CA ASP A 152 -23.94 2.88 -7.06
C ASP A 152 -24.74 2.96 -8.35
N THR A 166 -18.45 17.99 -4.50
CA THR A 166 -19.07 16.76 -3.94
C THR A 166 -18.67 15.53 -4.74
N GLU A 167 -17.39 15.45 -5.07
CA GLU A 167 -16.86 14.32 -5.84
C GLU A 167 -15.68 13.73 -5.10
N LYS A 168 -14.75 14.61 -4.74
CA LYS A 168 -13.56 14.23 -3.99
C LYS A 168 -13.90 14.49 -2.52
N THR A 169 -14.85 15.40 -2.31
CA THR A 169 -15.29 15.73 -0.96
C THR A 169 -15.72 14.43 -0.30
N GLU A 170 -16.41 13.59 -1.07
CA GLU A 170 -16.88 12.32 -0.56
C GLU A 170 -15.75 11.46 -0.04
N PHE A 171 -14.66 11.40 -0.78
CA PHE A 171 -13.53 10.60 -0.34
C PHE A 171 -12.97 11.13 0.96
N ASN A 172 -12.85 12.45 1.05
CA ASN A 172 -12.33 13.08 2.26
C ASN A 172 -13.18 12.71 3.47
N HIS A 173 -14.45 12.41 3.23
CA HIS A 173 -15.35 12.02 4.30
C HIS A 173 -14.99 10.61 4.74
N ILE A 174 -14.75 9.74 3.77
CA ILE A 174 -14.37 8.37 4.03
C ILE A 174 -13.03 8.35 4.76
N ASP A 175 -12.11 9.18 4.29
CA ASP A 175 -10.80 9.26 4.90
C ASP A 175 -10.96 9.54 6.38
N GLU A 176 -11.77 10.54 6.70
CA GLU A 176 -12.01 10.90 8.08
C GLU A 176 -12.51 9.67 8.82
N ILE A 177 -13.62 9.13 8.34
CA ILE A 177 -14.23 7.95 8.94
C ILE A 177 -13.17 6.91 9.29
N ILE A 178 -12.49 6.40 8.27
CA ILE A 178 -11.47 5.39 8.49
C ILE A 178 -10.47 5.84 9.54
N ARG A 179 -10.18 7.14 9.59
CA ARG A 179 -9.24 7.66 10.58
C ARG A 179 -9.78 7.32 11.95
N ARG A 180 -11.02 7.74 12.21
CA ARG A 180 -11.67 7.46 13.48
C ARG A 180 -11.47 6.00 13.83
N ILE A 181 -12.09 5.13 13.05
CA ILE A 181 -11.99 3.69 13.27
C ILE A 181 -10.56 3.26 13.55
N ALA A 182 -9.64 3.69 12.69
CA ALA A 182 -8.23 3.34 12.81
C ALA A 182 -7.74 3.54 14.25
N LEU A 183 -7.98 4.73 14.78
CA LEU A 183 -7.56 5.07 16.13
C LEU A 183 -8.32 4.21 17.14
N ALA A 184 -9.57 3.92 16.81
CA ALA A 184 -10.42 3.12 17.66
C ALA A 184 -9.92 1.68 17.76
N ARG A 185 -9.32 1.19 16.69
CA ARG A 185 -8.83 -0.17 16.67
C ARG A 185 -7.39 -0.25 16.21
N PHE A 186 -6.47 0.01 17.14
CA PHE A 186 -5.05 -0.04 16.82
C PHE A 186 -4.58 -1.44 16.49
N ASP A 187 -5.45 -2.42 16.71
CA ASP A 187 -5.11 -3.81 16.47
C ASP A 187 -5.53 -4.35 15.11
N VAL A 188 -5.88 -3.48 14.16
CA VAL A 188 -6.28 -3.97 12.85
C VAL A 188 -5.78 -3.13 11.67
N THR A 189 -4.99 -3.76 10.81
CA THR A 189 -4.45 -3.10 9.64
C THR A 189 -5.57 -2.63 8.72
N ILE A 190 -5.44 -1.42 8.22
CA ILE A 190 -6.43 -0.85 7.31
C ILE A 190 -5.72 -0.15 6.16
N ASN A 191 -6.11 -0.46 4.93
CA ASN A 191 -5.49 0.17 3.76
C ASN A 191 -6.53 0.85 2.90
N LEU A 192 -6.53 2.18 2.90
CA LEU A 192 -7.47 2.94 2.10
C LEU A 192 -6.81 3.46 0.84
N SER A 193 -7.37 3.09 -0.32
CA SER A 193 -6.82 3.54 -1.59
C SER A 193 -7.87 4.23 -2.43
N HIS A 194 -7.43 4.95 -3.45
CA HIS A 194 -8.33 5.68 -4.35
C HIS A 194 -7.87 5.61 -5.80
N ASN A 195 -8.70 5.03 -6.65
CA ASN A 195 -8.40 4.91 -8.07
C ASN A 195 -7.04 4.25 -8.26
N GLY A 196 -6.84 3.11 -7.62
CA GLY A 196 -5.59 2.38 -7.73
C GLY A 196 -4.44 3.03 -6.98
N LYS A 197 -4.66 4.25 -6.50
CA LYS A 197 -3.64 4.99 -5.77
C LYS A 197 -3.73 4.79 -4.26
N ILE A 198 -2.72 4.10 -3.69
CA ILE A 198 -2.69 3.87 -2.26
C ILE A 198 -2.62 5.22 -1.53
N VAL A 199 -3.57 5.46 -0.65
CA VAL A 199 -3.65 6.72 0.10
C VAL A 199 -3.04 6.60 1.50
N ARG A 200 -3.50 5.60 2.26
CA ARG A 200 -2.98 5.39 3.62
C ARG A 200 -2.92 3.92 3.97
N GLN A 201 -1.95 3.58 4.80
CA GLN A 201 -1.77 2.21 5.24
C GLN A 201 -1.56 2.21 6.74
N TYR A 202 -2.63 1.94 7.49
CA TYR A 202 -2.56 1.90 8.94
C TYR A 202 -2.30 0.47 9.40
N ARG A 203 -1.03 0.15 9.59
CA ARG A 203 -0.63 -1.19 10.03
C ARG A 203 -1.10 -1.43 11.46
N ALA A 204 -1.43 -2.68 11.75
CA ALA A 204 -1.87 -3.03 13.09
C ALA A 204 -0.68 -3.06 14.03
N VAL A 205 -0.95 -2.85 15.31
CA VAL A 205 0.10 -2.85 16.33
C VAL A 205 -0.06 -4.06 17.25
N PRO A 206 0.99 -4.90 17.36
CA PRO A 206 0.92 -6.08 18.23
C PRO A 206 0.79 -5.73 19.71
N GLU A 207 1.02 -6.72 20.56
CA GLU A 207 0.93 -6.53 22.01
C GLU A 207 2.03 -5.60 22.54
N GLY A 208 1.62 -4.49 23.13
CA GLY A 208 2.59 -3.53 23.67
C GLY A 208 3.68 -3.26 22.67
N GLY A 209 3.31 -2.72 21.51
CA GLY A 209 4.28 -2.43 20.46
C GLY A 209 4.46 -0.97 20.12
N GLN A 210 4.83 -0.69 18.87
CA GLN A 210 5.04 0.67 18.42
C GLN A 210 3.75 1.40 18.08
N LYS A 211 3.22 2.10 19.09
CA LYS A 211 2.00 2.87 18.93
C LYS A 211 2.26 4.18 18.18
N GLU A 212 3.45 4.74 18.36
CA GLU A 212 3.83 5.99 17.71
C GLU A 212 3.70 5.92 16.19
N ARG A 213 4.23 4.85 15.60
CA ARG A 213 4.18 4.69 14.16
C ARG A 213 2.79 4.96 13.61
N ARG A 214 1.85 4.06 13.91
CA ARG A 214 0.48 4.21 13.44
C ARG A 214 -0.12 5.56 13.79
N LEU A 215 0.13 6.02 15.01
CA LEU A 215 -0.42 7.30 15.42
C LEU A 215 0.09 8.36 14.45
N GLY A 216 1.36 8.25 14.10
CA GLY A 216 1.97 9.20 13.19
C GLY A 216 1.31 9.15 11.83
N ALA A 217 1.01 7.94 11.37
CA ALA A 217 0.38 7.77 10.06
C ALA A 217 -1.06 8.27 10.00
N ILE A 218 -1.75 8.24 11.14
CA ILE A 218 -3.14 8.67 11.18
C ILE A 218 -3.27 10.15 11.43
N CYS A 219 -2.36 10.71 12.22
CA CYS A 219 -2.43 12.13 12.55
C CYS A 219 -1.23 12.95 12.07
N GLY A 220 -0.31 12.30 11.37
CA GLY A 220 0.85 13.02 10.88
C GLY A 220 1.91 13.27 11.94
N THR A 221 3.13 13.56 11.46
CA THR A 221 4.25 13.80 12.36
C THR A 221 4.08 15.10 13.14
N ALA A 222 3.32 16.02 12.58
CA ALA A 222 3.08 17.31 13.22
C ALA A 222 2.62 17.10 14.67
N PHE A 223 1.57 16.31 14.83
CA PHE A 223 1.03 15.99 16.15
C PHE A 223 1.98 15.05 16.86
N LEU A 224 2.33 13.97 16.17
CA LEU A 224 3.23 12.98 16.74
C LEU A 224 4.41 13.63 17.44
N GLU A 225 4.91 14.73 16.89
CA GLU A 225 6.04 15.43 17.48
C GLU A 225 5.69 16.14 18.78
N GLN A 226 4.46 16.64 18.87
CA GLN A 226 4.00 17.34 20.07
C GLN A 226 3.26 16.43 21.04
N ALA A 227 3.12 15.17 20.65
CA ALA A 227 2.42 14.18 21.46
C ALA A 227 3.07 13.92 22.81
N LEU A 228 2.28 14.07 23.86
CA LEU A 228 2.73 13.80 25.21
C LEU A 228 1.91 12.59 25.65
N ALA A 229 2.55 11.42 25.65
CA ALA A 229 1.86 10.19 26.03
C ALA A 229 1.43 10.20 27.49
N ILE A 230 0.19 9.76 27.73
CA ILE A 230 -0.36 9.72 29.09
C ILE A 230 -1.03 8.40 29.43
N GLU A 231 -0.73 7.90 30.62
CA GLU A 231 -1.34 6.66 31.10
C GLU A 231 -1.78 6.93 32.53
N TRP A 232 -3.09 6.99 32.71
CA TRP A 232 -3.67 7.25 34.03
C TRP A 232 -4.65 6.16 34.39
N GLN A 233 -4.72 5.84 35.67
CA GLN A 233 -5.64 4.81 36.12
C GLN A 233 -5.94 4.95 37.59
N HIS A 234 -7.23 4.96 37.90
CA HIS A 234 -7.73 5.06 39.26
C HIS A 234 -8.89 4.09 39.39
N GLY A 235 -8.56 2.81 39.58
CA GLY A 235 -9.60 1.82 39.72
C GLY A 235 -10.24 1.51 38.39
N ASP A 236 -11.53 1.81 38.25
CA ASP A 236 -12.22 1.56 36.99
C ASP A 236 -11.84 2.60 35.94
N LEU A 237 -11.49 3.80 36.39
CA LEU A 237 -11.12 4.88 35.51
C LEU A 237 -9.73 4.72 34.91
N THR A 238 -9.67 4.78 33.58
CA THR A 238 -8.41 4.65 32.86
C THR A 238 -8.36 5.69 31.75
N LEU A 239 -7.27 6.44 31.68
CA LEU A 239 -7.11 7.46 30.66
C LEU A 239 -5.78 7.32 29.94
N ARG A 240 -5.81 6.78 28.73
CA ARG A 240 -4.59 6.62 27.93
C ARG A 240 -4.70 7.50 26.70
N GLY A 241 -3.62 7.60 25.95
CA GLY A 241 -3.62 8.42 24.75
C GLY A 241 -2.57 9.51 24.75
N TRP A 242 -2.78 10.55 23.94
CA TRP A 242 -1.82 11.64 23.86
C TRP A 242 -2.44 13.01 23.87
N VAL A 243 -1.62 13.98 24.24
CA VAL A 243 -2.03 15.37 24.29
C VAL A 243 -0.82 16.15 23.84
N ALA A 244 -1.01 17.00 22.83
CA ALA A 244 0.06 17.81 22.30
C ALA A 244 0.48 18.91 23.26
N ASP A 245 1.78 19.16 23.34
CA ASP A 245 2.29 20.21 24.21
C ASP A 245 1.54 21.49 23.83
N PRO A 246 0.69 21.98 24.74
CA PRO A 246 -0.08 23.19 24.47
C PRO A 246 0.77 24.32 23.89
N ASN A 247 1.86 24.63 24.59
CA ASN A 247 2.78 25.68 24.17
C ASN A 247 3.08 25.60 22.68
N HIS A 248 3.04 24.39 22.14
CA HIS A 248 3.34 24.19 20.74
C HIS A 248 2.16 23.63 19.96
N THR A 249 0.96 24.06 20.31
CA THR A 249 -0.23 23.59 19.62
C THR A 249 -0.74 24.64 18.66
N THR A 250 -0.61 24.35 17.36
CA THR A 250 -1.06 25.26 16.32
C THR A 250 -2.52 24.94 16.05
N PRO A 251 -3.30 25.93 15.60
CA PRO A 251 -4.72 25.73 15.30
C PRO A 251 -4.93 24.58 14.32
N ALA A 252 -3.88 24.24 13.58
CA ALA A 252 -3.93 23.14 12.62
C ALA A 252 -3.96 21.85 13.42
N LEU A 253 -3.12 21.80 14.44
CA LEU A 253 -3.02 20.64 15.31
C LEU A 253 -4.30 20.47 16.10
N ALA A 254 -4.85 21.58 16.58
CA ALA A 254 -6.08 21.56 17.37
C ALA A 254 -7.23 20.94 16.58
N GLU A 255 -6.94 20.54 15.35
CA GLU A 255 -7.94 19.90 14.49
C GLU A 255 -8.12 18.47 14.99
N ILE A 256 -7.07 17.94 15.61
CA ILE A 256 -7.07 16.59 16.14
C ILE A 256 -7.62 16.56 17.56
N GLN A 257 -8.88 16.16 17.68
CA GLN A 257 -9.51 16.08 18.97
C GLN A 257 -10.39 14.84 18.96
N TYR A 258 -9.75 13.70 19.18
CA TYR A 258 -10.45 12.45 19.21
C TYR A 258 -10.44 11.90 20.64
N CYS A 259 -11.63 11.56 21.13
CA CYS A 259 -11.78 11.04 22.47
C CYS A 259 -12.73 9.83 22.43
N TYR A 260 -12.25 8.69 22.90
CA TYR A 260 -13.05 7.47 22.92
C TYR A 260 -13.38 7.00 24.33
N VAL A 261 -14.66 6.78 24.59
CA VAL A 261 -15.07 6.32 25.90
C VAL A 261 -15.45 4.86 25.82
N ASN A 262 -14.50 4.00 26.17
CA ASN A 262 -14.70 2.56 26.15
C ASN A 262 -14.90 2.08 24.72
N GLY A 263 -14.01 2.50 23.83
CA GLY A 263 -14.08 2.09 22.44
C GLY A 263 -14.97 2.95 21.56
N ARG A 264 -16.02 3.52 22.13
CA ARG A 264 -16.94 4.35 21.37
C ARG A 264 -16.50 5.81 21.37
N MET A 265 -16.20 6.33 20.18
CA MET A 265 -15.76 7.72 20.04
C MET A 265 -16.85 8.64 20.52
N MET A 266 -16.62 9.31 21.64
CA MET A 266 -17.59 10.23 22.20
C MET A 266 -17.18 11.66 21.88
N ARG A 267 -17.90 12.60 22.48
CA ARG A 267 -17.64 14.02 22.28
C ARG A 267 -18.41 14.76 23.37
N ASP A 268 -17.83 14.79 24.56
CA ASP A 268 -18.48 15.44 25.69
C ASP A 268 -17.82 16.78 25.96
N ARG A 269 -18.66 17.80 26.13
CA ARG A 269 -18.18 19.15 26.41
C ARG A 269 -17.45 19.16 27.74
N LEU A 270 -17.87 18.25 28.62
CA LEU A 270 -17.26 18.12 29.94
C LEU A 270 -15.84 17.60 29.85
N ILE A 271 -15.65 16.52 29.09
CA ILE A 271 -14.33 15.94 28.92
C ILE A 271 -13.39 16.97 28.30
N ASN A 272 -13.91 17.72 27.33
CA ASN A 272 -13.14 18.74 26.64
C ASN A 272 -12.76 19.89 27.57
N HIS A 273 -13.70 20.33 28.40
CA HIS A 273 -13.44 21.42 29.32
C HIS A 273 -12.30 21.00 30.25
N ALA A 274 -12.34 19.75 30.72
CA ALA A 274 -11.32 19.22 31.61
C ALA A 274 -9.94 19.33 30.98
N ILE A 275 -9.80 18.80 29.77
CA ILE A 275 -8.54 18.84 29.05
C ILE A 275 -8.11 20.28 28.84
N ARG A 276 -9.07 21.13 28.47
CA ARG A 276 -8.80 22.54 28.25
C ARG A 276 -8.24 23.16 29.52
N GLN A 277 -9.08 23.23 30.54
CA GLN A 277 -8.72 23.79 31.83
C GLN A 277 -7.33 23.34 32.28
N ALA A 278 -7.02 22.08 32.03
CA ALA A 278 -5.72 21.53 32.40
C ALA A 278 -4.61 22.32 31.73
N CYS A 279 -4.78 22.59 30.44
CA CYS A 279 -3.80 23.33 29.66
C CYS A 279 -3.79 24.82 29.99
N GLU A 280 -4.96 25.38 30.25
CA GLU A 280 -5.08 26.79 30.60
C GLU A 280 -4.44 27.01 31.96
N ASP A 281 -4.34 25.95 32.73
CA ASP A 281 -3.76 26.04 34.06
C ASP A 281 -2.25 25.91 34.00
N LYS A 282 -1.74 25.09 33.08
CA LYS A 282 -0.30 24.93 32.94
C LYS A 282 0.27 26.28 32.54
N LEU A 283 -0.42 26.92 31.60
CA LEU A 283 -0.06 28.25 31.11
C LEU A 283 -1.40 28.91 30.79
N GLY A 284 -1.48 30.21 31.06
CA GLY A 284 -2.71 30.95 30.80
C GLY A 284 -3.25 30.84 29.39
N ALA A 285 -2.55 30.09 28.54
CA ALA A 285 -2.94 29.89 27.15
C ALA A 285 -4.30 29.21 26.98
N ASP A 286 -5.35 30.01 26.77
CA ASP A 286 -6.70 29.48 26.58
C ASP A 286 -6.93 29.31 25.08
N GLN A 287 -6.95 28.05 24.63
CA GLN A 287 -7.17 27.75 23.22
C GLN A 287 -7.33 26.24 23.01
N GLN A 288 -8.03 25.88 21.94
CA GLN A 288 -8.27 24.47 21.62
C GLN A 288 -7.02 23.62 21.69
N PRO A 289 -7.08 22.50 22.44
CA PRO A 289 -5.95 21.58 22.61
C PRO A 289 -6.02 20.45 21.58
N ALA A 290 -4.88 19.83 21.32
CA ALA A 290 -4.83 18.73 20.38
C ALA A 290 -4.64 17.47 21.21
N PHE A 291 -5.44 16.45 20.94
CA PHE A 291 -5.35 15.22 21.71
C PHE A 291 -6.05 14.05 21.04
N VAL A 292 -5.76 12.87 21.57
CA VAL A 292 -6.36 11.63 21.11
C VAL A 292 -6.35 10.79 22.37
N LEU A 293 -7.43 10.88 23.13
CA LEU A 293 -7.52 10.16 24.40
C LEU A 293 -8.48 8.99 24.40
N TYR A 294 -8.24 8.07 25.32
CA TYR A 294 -9.05 6.88 25.49
C TYR A 294 -9.48 6.74 26.95
N LEU A 295 -10.75 6.99 27.22
CA LEU A 295 -11.26 6.88 28.58
C LEU A 295 -11.96 5.55 28.77
N GLU A 296 -11.75 4.97 29.94
CA GLU A 296 -12.35 3.70 30.28
C GLU A 296 -12.94 3.80 31.68
N ILE A 297 -14.19 3.37 31.83
CA ILE A 297 -14.87 3.41 33.12
C ILE A 297 -15.89 2.28 33.18
N ASP A 298 -16.36 1.97 34.38
CA ASP A 298 -17.36 0.91 34.54
C ASP A 298 -18.70 1.45 34.02
N PRO A 299 -19.45 0.62 33.28
CA PRO A 299 -20.75 0.99 32.70
C PRO A 299 -21.46 2.12 33.45
N HIS A 300 -21.41 3.32 32.87
CA HIS A 300 -22.01 4.51 33.47
C HIS A 300 -22.35 5.56 32.41
N GLN A 301 -23.47 5.39 31.71
CA GLN A 301 -23.90 6.31 30.64
C GLN A 301 -24.19 7.75 31.11
N VAL A 302 -23.43 8.72 30.58
CA VAL A 302 -23.62 10.15 30.92
C VAL A 302 -23.95 10.95 29.67
N SER A 318 -19.84 11.35 38.41
CA SER A 318 -19.49 11.91 37.08
C SER A 318 -18.61 13.17 37.18
N ARG A 319 -18.73 13.89 38.29
CA ARG A 319 -17.91 15.08 38.50
C ARG A 319 -16.47 14.61 38.63
N LEU A 320 -16.28 13.59 39.47
CA LEU A 320 -14.96 13.03 39.71
C LEU A 320 -14.25 12.75 38.39
N VAL A 321 -14.96 12.10 37.48
CA VAL A 321 -14.43 11.77 36.17
C VAL A 321 -13.67 12.97 35.62
N HIS A 322 -14.30 14.13 35.72
CA HIS A 322 -13.71 15.36 35.24
C HIS A 322 -12.36 15.57 35.90
N ASP A 323 -12.32 15.46 37.22
CA ASP A 323 -11.09 15.65 37.98
C ASP A 323 -10.04 14.60 37.64
N PHE A 324 -10.48 13.37 37.37
CA PHE A 324 -9.58 12.29 37.01
C PHE A 324 -8.83 12.68 35.75
N ILE A 325 -9.59 13.15 34.76
CA ILE A 325 -9.01 13.56 33.49
C ILE A 325 -8.14 14.78 33.68
N TYR A 326 -8.73 15.81 34.26
CA TYR A 326 -8.02 17.05 34.52
C TYR A 326 -6.69 16.71 35.16
N GLN A 327 -6.75 15.81 36.14
CA GLN A 327 -5.58 15.37 36.86
C GLN A 327 -4.60 14.65 35.95
N GLY A 328 -5.12 13.67 35.23
CA GLY A 328 -4.29 12.90 34.32
C GLY A 328 -3.50 13.80 33.40
N VAL A 329 -4.21 14.60 32.63
CA VAL A 329 -3.60 15.53 31.69
C VAL A 329 -2.63 16.50 32.35
N LEU A 330 -3.16 17.30 33.28
CA LEU A 330 -2.34 18.28 33.98
C LEU A 330 -0.99 17.71 34.42
N SER A 331 -1.02 16.49 34.92
CA SER A 331 0.20 15.84 35.38
C SER A 331 1.21 15.67 34.26
N VAL A 332 0.76 15.14 33.14
CA VAL A 332 1.64 14.92 32.00
C VAL A 332 2.30 16.19 31.53
N LEU A 333 1.60 17.32 31.65
CA LEU A 333 2.15 18.60 31.24
C LEU A 333 3.28 19.06 32.16
N GLN A 334 3.15 18.73 33.44
CA GLN A 334 4.17 19.12 34.42
C GLN A 334 4.99 17.90 34.83
N VAL B 23 20.96 -19.09 -12.47
CA VAL B 23 20.78 -17.79 -11.75
C VAL B 23 19.30 -17.67 -11.35
N GLU B 24 18.65 -18.82 -11.19
CA GLU B 24 17.23 -18.88 -10.82
C GLU B 24 16.95 -18.79 -9.32
N ARG B 25 16.83 -17.57 -8.83
CA ARG B 25 16.55 -17.32 -7.42
C ARG B 25 15.14 -16.75 -7.35
N PRO B 26 14.62 -16.52 -6.13
CA PRO B 26 13.26 -15.95 -6.06
C PRO B 26 13.28 -14.56 -6.71
N ALA B 27 14.33 -13.82 -6.41
CA ALA B 27 14.50 -12.48 -6.96
C ALA B 27 14.28 -12.54 -8.47
N SER B 28 14.96 -13.49 -9.11
CA SER B 28 14.85 -13.68 -10.55
C SER B 28 13.38 -13.77 -10.97
N VAL B 29 12.63 -14.58 -10.23
CA VAL B 29 11.21 -14.76 -10.51
C VAL B 29 10.47 -13.45 -10.36
N VAL B 30 10.84 -12.69 -9.33
CA VAL B 30 10.22 -11.39 -9.11
C VAL B 30 10.44 -10.58 -10.38
N LYS B 31 11.69 -10.54 -10.81
CA LYS B 31 12.06 -9.81 -12.02
C LYS B 31 11.18 -10.23 -13.18
N GLU B 32 11.06 -11.53 -13.39
CA GLU B 32 10.23 -12.04 -14.48
C GLU B 32 8.82 -11.50 -14.38
N LEU B 33 8.08 -11.97 -13.36
CA LEU B 33 6.71 -11.52 -13.16
C LEU B 33 6.57 -10.01 -13.24
N VAL B 34 7.52 -9.29 -12.64
CA VAL B 34 7.47 -7.83 -12.66
C VAL B 34 7.66 -7.33 -14.09
N GLU B 35 8.56 -7.98 -14.81
CA GLU B 35 8.82 -7.61 -16.19
C GLU B 35 7.56 -7.85 -16.99
N ASN B 36 7.02 -9.06 -16.88
CA ASN B 36 5.80 -9.42 -17.59
C ASN B 36 4.77 -8.31 -17.42
N SER B 37 4.55 -7.93 -16.17
CA SER B 37 3.59 -6.89 -15.84
C SER B 37 3.86 -5.61 -16.61
N LEU B 38 5.12 -5.17 -16.63
CA LEU B 38 5.48 -3.95 -17.35
C LEU B 38 5.17 -4.03 -18.83
N ASP B 39 5.60 -5.10 -19.47
CA ASP B 39 5.38 -5.30 -20.89
C ASP B 39 3.88 -5.42 -21.17
N ALA B 40 3.12 -5.76 -20.14
CA ALA B 40 1.68 -5.89 -20.28
C ALA B 40 1.05 -4.50 -20.20
N GLY B 41 1.91 -3.48 -20.19
CA GLY B 41 1.45 -2.11 -20.10
C GLY B 41 1.03 -1.64 -18.72
N ALA B 42 1.67 -2.19 -17.68
CA ALA B 42 1.34 -1.80 -16.32
C ALA B 42 1.77 -0.39 -16.00
N THR B 43 1.11 0.21 -15.01
CA THR B 43 1.41 1.57 -14.60
C THR B 43 1.57 1.65 -13.09
N ARG B 44 1.20 0.56 -12.41
CA ARG B 44 1.31 0.46 -10.96
C ARG B 44 1.53 -1.01 -10.66
N ILE B 45 2.63 -1.33 -9.99
CA ILE B 45 2.93 -2.72 -9.66
C ILE B 45 3.21 -2.88 -8.19
N ASP B 46 2.22 -3.34 -7.45
CA ASP B 46 2.36 -3.53 -6.02
C ASP B 46 2.81 -4.96 -5.77
N ILE B 47 4.11 -5.14 -5.57
CA ILE B 47 4.66 -6.46 -5.31
C ILE B 47 4.94 -6.66 -3.82
N ASP B 48 4.35 -7.71 -3.25
CA ASP B 48 4.52 -8.02 -1.83
C ASP B 48 5.29 -9.33 -1.69
N ILE B 49 6.14 -9.41 -0.68
CA ILE B 49 6.93 -10.62 -0.46
C ILE B 49 6.87 -11.06 1.00
N GLU B 50 7.03 -12.36 1.21
CA GLU B 50 7.00 -12.94 2.56
C GLU B 50 8.10 -13.99 2.71
N ARG B 51 8.95 -13.80 3.72
CA ARG B 51 10.04 -14.73 4.01
C ARG B 51 10.95 -14.95 2.80
N GLY B 52 11.67 -13.91 2.40
CA GLY B 52 12.57 -14.01 1.26
C GLY B 52 11.88 -14.45 0.00
N GLY B 53 10.55 -14.33 -0.02
CA GLY B 53 9.79 -14.73 -1.19
C GLY B 53 9.48 -16.21 -1.21
N ALA B 54 10.29 -16.99 -0.51
CA ALA B 54 10.11 -18.44 -0.44
C ALA B 54 8.68 -18.83 -0.08
N LYS B 55 8.11 -18.10 0.87
CA LYS B 55 6.74 -18.35 1.31
C LYS B 55 5.73 -17.74 0.33
N LEU B 56 5.70 -16.41 0.29
CA LEU B 56 4.76 -15.72 -0.59
C LEU B 56 5.46 -14.73 -1.53
N ILE B 57 4.88 -14.60 -2.72
CA ILE B 57 5.38 -13.68 -3.74
C ILE B 57 4.16 -13.28 -4.57
N ARG B 58 3.63 -12.10 -4.31
CA ARG B 58 2.45 -11.61 -5.02
C ARG B 58 2.74 -10.38 -5.87
N ILE B 59 2.32 -10.42 -7.13
CA ILE B 59 2.50 -9.31 -8.04
C ILE B 59 1.16 -8.91 -8.64
N ARG B 60 0.71 -7.71 -8.29
CA ARG B 60 -0.56 -7.22 -8.80
C ARG B 60 -0.30 -6.00 -9.67
N ASP B 61 -0.66 -6.10 -10.94
CA ASP B 61 -0.46 -4.99 -11.86
C ASP B 61 -1.79 -4.52 -12.43
N ASN B 62 -1.81 -3.28 -12.91
CA ASN B 62 -3.00 -2.69 -13.50
C ASN B 62 -2.89 -2.67 -15.03
N GLY B 63 -2.10 -3.58 -15.57
CA GLY B 63 -1.93 -3.64 -17.01
C GLY B 63 -2.87 -4.66 -17.64
N CYS B 64 -3.01 -4.60 -18.95
CA CYS B 64 -3.88 -5.52 -19.68
C CYS B 64 -3.94 -6.87 -19.01
N GLY B 65 -5.14 -7.46 -18.98
CA GLY B 65 -5.32 -8.75 -18.33
C GLY B 65 -5.21 -9.96 -19.23
N ILE B 66 -5.96 -11.00 -18.87
CA ILE B 66 -5.96 -12.25 -19.62
C ILE B 66 -7.36 -12.82 -19.70
N LYS B 67 -7.86 -13.00 -20.92
CA LYS B 67 -9.20 -13.53 -21.15
C LYS B 67 -9.30 -14.93 -20.52
N LYS B 68 -10.42 -15.19 -19.86
CA LYS B 68 -10.66 -16.47 -19.18
C LYS B 68 -10.05 -17.71 -19.85
N ASP B 69 -10.22 -17.82 -21.16
CA ASP B 69 -9.70 -18.95 -21.91
C ASP B 69 -8.19 -19.07 -21.77
N GLU B 70 -7.49 -17.99 -22.10
CA GLU B 70 -6.03 -17.94 -22.02
C GLU B 70 -5.52 -18.34 -20.64
N LEU B 71 -6.25 -17.96 -19.60
CA LEU B 71 -5.86 -18.28 -18.23
C LEU B 71 -5.53 -19.75 -18.06
N ALA B 72 -6.45 -20.61 -18.52
CA ALA B 72 -6.29 -22.06 -18.42
C ALA B 72 -4.91 -22.56 -18.85
N LEU B 73 -4.70 -22.62 -20.16
CA LEU B 73 -3.43 -23.10 -20.72
C LEU B 73 -2.22 -22.29 -20.26
N ALA B 74 -2.45 -21.08 -19.78
CA ALA B 74 -1.37 -20.22 -19.31
C ALA B 74 -0.61 -20.91 -18.18
N LEU B 75 -1.27 -21.84 -17.52
CA LEU B 75 -0.66 -22.58 -16.42
C LEU B 75 -0.10 -23.90 -16.91
N ALA B 76 -0.76 -24.49 -17.91
CA ALA B 76 -0.33 -25.76 -18.48
C ALA B 76 1.13 -25.69 -18.92
N GLU B 90 -5.17 -23.06 -29.31
CA GLU B 90 -4.71 -22.80 -30.70
C GLU B 90 -3.78 -21.60 -30.77
N ALA B 91 -3.92 -20.80 -31.83
CA ALA B 91 -3.07 -19.63 -32.01
C ALA B 91 -3.48 -18.49 -31.07
N ILE B 92 -3.58 -18.80 -29.78
CA ILE B 92 -3.96 -17.81 -28.80
C ILE B 92 -2.85 -17.62 -27.77
N ILE B 93 -1.94 -18.59 -27.73
CA ILE B 93 -0.81 -18.55 -26.81
C ILE B 93 0.21 -17.54 -27.32
N SER B 94 -0.12 -16.93 -28.45
CA SER B 94 0.73 -15.91 -29.06
C SER B 94 0.43 -14.62 -28.32
N LEU B 95 -0.70 -14.62 -27.61
CA LEU B 95 -1.12 -13.46 -26.83
C LEU B 95 -0.59 -13.66 -25.42
N GLY B 96 0.56 -14.31 -25.32
CA GLY B 96 1.15 -14.56 -24.01
C GLY B 96 2.62 -14.91 -24.04
N PHE B 97 3.45 -13.87 -24.11
CA PHE B 97 4.90 -14.05 -24.10
C PHE B 97 5.22 -14.41 -22.66
N ARG B 98 4.53 -13.74 -21.74
CA ARG B 98 4.70 -13.97 -20.31
C ARG B 98 4.08 -15.31 -19.97
N GLY B 99 2.98 -15.62 -20.64
CA GLY B 99 2.30 -16.88 -20.40
C GLY B 99 3.28 -18.04 -20.47
N GLU B 100 4.17 -17.98 -21.46
CA GLU B 100 5.18 -19.01 -21.63
C GLU B 100 6.00 -19.06 -20.35
N ALA B 101 6.37 -17.87 -19.86
CA ALA B 101 7.17 -17.75 -18.66
C ALA B 101 6.41 -18.33 -17.47
N LEU B 102 5.12 -18.06 -17.40
CA LEU B 102 4.29 -18.55 -16.31
C LEU B 102 4.39 -20.07 -16.18
N ALA B 103 4.27 -20.76 -17.31
CA ALA B 103 4.34 -22.21 -17.32
C ALA B 103 5.60 -22.69 -16.59
N SER B 104 6.72 -22.06 -16.91
CA SER B 104 7.99 -22.41 -16.31
C SER B 104 7.95 -22.21 -14.80
N ILE B 105 7.25 -21.17 -14.35
CA ILE B 105 7.14 -20.89 -12.92
C ILE B 105 6.17 -21.84 -12.22
N SER B 106 4.90 -21.78 -12.62
CA SER B 106 3.86 -22.63 -12.04
C SER B 106 4.34 -24.06 -11.82
N SER B 107 5.27 -24.50 -12.66
CA SER B 107 5.80 -25.85 -12.55
C SER B 107 6.92 -25.90 -11.52
N VAL B 108 6.85 -25.04 -10.52
CA VAL B 108 7.86 -24.98 -9.46
C VAL B 108 7.27 -24.49 -8.14
N SER B 109 5.98 -24.18 -8.15
CA SER B 109 5.31 -23.71 -6.95
C SER B 109 3.80 -23.61 -7.12
N ARG B 110 3.10 -23.38 -6.02
CA ARG B 110 1.64 -23.26 -6.03
C ARG B 110 1.21 -21.95 -6.68
N LEU B 111 1.15 -21.95 -8.01
CA LEU B 111 0.75 -20.76 -8.75
C LEU B 111 -0.75 -20.55 -8.66
N THR B 112 -1.14 -19.29 -8.46
CA THR B 112 -2.54 -18.94 -8.35
C THR B 112 -2.83 -17.70 -9.18
N LEU B 113 -2.80 -17.85 -10.49
CA LEU B 113 -3.06 -16.72 -11.38
C LEU B 113 -4.50 -16.25 -11.24
N THR B 114 -4.71 -14.94 -11.34
CA THR B 114 -6.03 -14.37 -11.23
C THR B 114 -6.04 -12.98 -11.83
N SER B 115 -6.71 -12.83 -12.96
CA SER B 115 -6.78 -11.55 -13.62
C SER B 115 -8.15 -11.29 -14.23
N ARG B 116 -8.34 -10.07 -14.72
CA ARG B 116 -9.59 -9.66 -15.33
C ARG B 116 -9.27 -8.58 -16.36
N THR B 117 -9.55 -8.88 -17.62
CA THR B 117 -9.27 -7.94 -18.71
C THR B 117 -10.09 -6.67 -18.65
N ALA B 118 -9.73 -5.73 -19.51
CA ALA B 118 -10.40 -4.44 -19.56
C ALA B 118 -11.86 -4.55 -19.93
N GLU B 119 -12.63 -5.26 -19.12
CA GLU B 119 -14.03 -5.44 -19.44
C GLU B 119 -14.84 -5.90 -18.25
N GLN B 120 -16.12 -5.53 -18.25
CA GLN B 120 -17.03 -5.89 -17.18
C GLN B 120 -16.91 -7.37 -16.79
N GLN B 121 -16.52 -8.21 -17.74
CA GLN B 121 -16.37 -9.64 -17.46
C GLN B 121 -15.61 -9.80 -16.14
N GLU B 122 -16.26 -10.39 -15.15
CA GLU B 122 -15.66 -10.58 -13.83
C GLU B 122 -14.29 -11.24 -13.90
N ALA B 123 -13.68 -11.38 -12.73
CA ALA B 123 -12.35 -11.97 -12.60
C ALA B 123 -12.39 -13.49 -12.53
N TRP B 124 -11.26 -14.12 -12.84
CA TRP B 124 -11.14 -15.57 -12.83
C TRP B 124 -9.86 -16.03 -12.16
N GLN B 125 -9.74 -17.34 -11.95
CA GLN B 125 -8.55 -17.90 -11.31
C GLN B 125 -8.31 -19.36 -11.69
N ALA B 126 -7.05 -19.71 -11.92
CA ALA B 126 -6.67 -21.07 -12.29
C ALA B 126 -5.72 -21.70 -11.26
N TYR B 127 -5.70 -23.03 -11.22
CA TYR B 127 -4.83 -23.75 -10.29
C TYR B 127 -4.01 -24.83 -10.99
N MET B 133 -2.56 -31.62 -11.43
CA MET B 133 -1.90 -31.36 -12.75
C MET B 133 -2.88 -30.75 -13.77
N ASN B 134 -4.00 -30.24 -13.27
CA ASN B 134 -5.01 -29.63 -14.12
C ASN B 134 -5.52 -28.31 -13.55
N VAL B 135 -6.06 -27.47 -14.41
CA VAL B 135 -6.56 -26.16 -14.00
C VAL B 135 -7.98 -26.13 -13.51
N THR B 136 -8.19 -25.35 -12.46
CA THR B 136 -9.52 -25.16 -11.93
C THR B 136 -9.84 -23.68 -12.09
N VAL B 137 -10.42 -23.32 -13.23
CA VAL B 137 -10.75 -21.92 -13.48
C VAL B 137 -12.17 -21.60 -13.03
N LYS B 138 -12.27 -20.76 -12.00
CA LYS B 138 -13.56 -20.34 -11.46
C LYS B 138 -13.59 -18.82 -11.32
N PRO B 139 -14.77 -18.24 -11.05
CA PRO B 139 -14.89 -16.78 -10.91
C PRO B 139 -14.23 -16.27 -9.63
N ALA B 140 -14.01 -14.95 -9.57
CA ALA B 140 -13.40 -14.34 -8.40
C ALA B 140 -13.52 -12.81 -8.42
N ALA B 141 -13.15 -12.19 -7.30
CA ALA B 141 -13.20 -10.73 -7.17
C ALA B 141 -11.82 -10.12 -7.36
N HIS B 142 -11.71 -9.20 -8.31
CA HIS B 142 -10.45 -8.53 -8.63
C HIS B 142 -10.70 -7.41 -9.64
N PRO B 143 -9.95 -6.30 -9.51
CA PRO B 143 -10.13 -5.18 -10.44
C PRO B 143 -9.44 -5.42 -11.78
N VAL B 144 -9.65 -4.50 -12.73
CA VAL B 144 -9.05 -4.63 -14.05
C VAL B 144 -7.53 -4.73 -13.93
N GLY B 145 -7.02 -5.96 -13.80
CA GLY B 145 -5.59 -6.17 -13.68
C GLY B 145 -5.18 -7.61 -13.55
N THR B 146 -4.07 -7.86 -12.86
CA THR B 146 -3.60 -9.22 -12.67
C THR B 146 -2.90 -9.40 -11.33
N THR B 147 -2.90 -10.62 -10.83
CA THR B 147 -2.28 -10.96 -9.56
C THR B 147 -1.74 -12.39 -9.65
N LEU B 148 -0.67 -12.67 -8.92
CA LEU B 148 -0.09 -14.02 -8.96
C LEU B 148 0.53 -14.41 -7.63
N GLU B 149 0.04 -15.50 -7.06
CA GLU B 149 0.54 -15.98 -5.78
C GLU B 149 1.54 -17.09 -6.08
N VAL B 150 2.63 -17.11 -5.31
CA VAL B 150 3.67 -18.11 -5.51
C VAL B 150 4.24 -18.65 -4.20
N LEU B 151 4.08 -19.95 -3.98
CA LEU B 151 4.57 -20.62 -2.77
C LEU B 151 5.43 -21.82 -3.15
N ASP B 152 6.74 -21.69 -3.02
CA ASP B 152 7.68 -22.74 -3.37
C ASP B 152 7.59 -24.06 -2.58
N LEU B 153 8.28 -25.08 -3.09
CA LEU B 153 8.33 -26.41 -2.48
C LEU B 153 9.39 -27.28 -3.16
N LEU B 164 18.38 -24.69 -1.98
CA LEU B 164 18.00 -23.59 -1.03
C LEU B 164 18.98 -22.39 -1.01
N ARG B 165 18.71 -21.44 -0.11
CA ARG B 165 19.54 -20.22 0.05
C ARG B 165 19.39 -19.64 1.47
N THR B 166 19.47 -18.31 1.59
CA THR B 166 19.35 -17.67 2.89
C THR B 166 17.98 -17.02 3.10
N GLU B 167 17.72 -16.53 4.32
CA GLU B 167 16.43 -15.93 4.66
C GLU B 167 16.20 -14.49 4.18
N LYS B 168 16.78 -13.53 4.89
CA LYS B 168 16.62 -12.11 4.55
C LYS B 168 17.44 -11.68 3.34
N THR B 169 18.48 -12.44 3.05
CA THR B 169 19.35 -12.14 1.92
C THR B 169 18.55 -12.10 0.63
N GLU B 170 17.65 -13.06 0.49
CA GLU B 170 16.81 -13.16 -0.69
C GLU B 170 16.02 -11.88 -0.93
N PHE B 171 15.44 -11.33 0.13
CA PHE B 171 14.66 -10.12 -0.04
C PHE B 171 15.54 -8.98 -0.51
N ASN B 172 16.74 -8.87 0.05
CA ASN B 172 17.66 -7.82 -0.33
C ASN B 172 18.00 -7.91 -1.81
N HIS B 173 17.91 -9.11 -2.38
CA HIS B 173 18.20 -9.31 -3.79
C HIS B 173 17.04 -8.75 -4.60
N ILE B 174 15.83 -8.98 -4.13
CA ILE B 174 14.62 -8.49 -4.77
C ILE B 174 14.62 -6.96 -4.70
N ASP B 175 14.99 -6.44 -3.54
CA ASP B 175 15.04 -4.99 -3.33
C ASP B 175 15.91 -4.35 -4.39
N GLU B 176 17.10 -4.92 -4.56
CA GLU B 176 18.03 -4.43 -5.56
C GLU B 176 17.34 -4.44 -6.92
N ILE B 177 16.89 -5.62 -7.32
CA ILE B 177 16.21 -5.79 -8.59
C ILE B 177 15.19 -4.68 -8.81
N ILE B 178 14.18 -4.62 -7.96
CA ILE B 178 13.15 -3.59 -8.09
C ILE B 178 13.75 -2.20 -8.20
N ARG B 179 14.86 -1.97 -7.51
CA ARG B 179 15.52 -0.67 -7.56
C ARG B 179 15.90 -0.40 -9.02
N ARG B 180 16.64 -1.34 -9.60
CA ARG B 180 17.06 -1.24 -10.99
C ARG B 180 15.85 -0.83 -11.81
N ILE B 181 14.91 -1.75 -11.96
CA ILE B 181 13.70 -1.50 -12.73
C ILE B 181 13.10 -0.12 -12.45
N ALA B 182 12.96 0.19 -11.17
CA ALA B 182 12.39 1.47 -10.75
C ALA B 182 13.04 2.62 -11.51
N LEU B 183 14.37 2.66 -11.48
CA LEU B 183 15.12 3.69 -12.17
C LEU B 183 14.91 3.60 -13.68
N ALA B 184 14.79 2.37 -14.15
CA ALA B 184 14.60 2.12 -15.57
C ALA B 184 13.26 2.65 -16.06
N ARG B 185 12.27 2.62 -15.19
CA ARG B 185 10.93 3.07 -15.56
C ARG B 185 10.38 4.06 -14.56
N PHE B 186 10.80 5.31 -14.70
CA PHE B 186 10.34 6.36 -13.80
C PHE B 186 8.85 6.63 -13.96
N ASP B 187 8.25 6.04 -15.00
CA ASP B 187 6.84 6.24 -15.29
C ASP B 187 5.89 5.21 -14.70
N VAL B 188 6.36 4.40 -13.77
CA VAL B 188 5.48 3.39 -13.18
C VAL B 188 5.64 3.18 -11.68
N THR B 189 4.57 3.43 -10.94
CA THR B 189 4.56 3.26 -9.50
C THR B 189 4.86 1.82 -9.12
N ILE B 190 5.71 1.63 -8.12
CA ILE B 190 6.07 0.30 -7.65
C ILE B 190 6.08 0.29 -6.14
N ASN B 191 5.40 -0.68 -5.54
CA ASN B 191 5.33 -0.79 -4.09
C ASN B 191 5.81 -2.17 -3.64
N LEU B 192 6.97 -2.20 -3.00
CA LEU B 192 7.54 -3.44 -2.51
C LEU B 192 7.35 -3.53 -1.00
N SER B 193 6.68 -4.58 -0.55
CA SER B 193 6.44 -4.78 0.88
C SER B 193 6.95 -6.15 1.32
N HIS B 194 7.08 -6.32 2.63
CA HIS B 194 7.56 -7.58 3.18
C HIS B 194 6.82 -7.93 4.46
N ASN B 195 6.15 -9.07 4.44
CA ASN B 195 5.39 -9.53 5.60
C ASN B 195 4.46 -8.44 6.09
N GLY B 196 3.64 -7.92 5.18
CA GLY B 196 2.69 -6.88 5.52
C GLY B 196 3.33 -5.54 5.81
N LYS B 197 4.66 -5.52 5.90
CA LYS B 197 5.39 -4.29 6.18
C LYS B 197 5.83 -3.57 4.91
N ILE B 198 5.24 -2.41 4.66
CA ILE B 198 5.59 -1.63 3.48
C ILE B 198 7.07 -1.25 3.58
N VAL B 199 7.84 -1.61 2.56
CA VAL B 199 9.27 -1.31 2.54
C VAL B 199 9.61 -0.07 1.73
N ARG B 200 9.13 -0.02 0.49
CA ARG B 200 9.39 1.12 -0.38
C ARG B 200 8.20 1.42 -1.29
N GLN B 201 8.04 2.68 -1.62
CA GLN B 201 6.97 3.11 -2.50
C GLN B 201 7.54 4.06 -3.54
N TYR B 202 7.82 3.53 -4.73
CA TYR B 202 8.36 4.34 -5.81
C TYR B 202 7.23 4.87 -6.69
N ARG B 203 6.74 6.06 -6.36
CA ARG B 203 5.66 6.68 -7.11
C ARG B 203 6.10 7.02 -8.52
N ALA B 204 5.18 6.94 -9.47
CA ALA B 204 5.50 7.25 -10.86
C ALA B 204 5.58 8.77 -11.02
N VAL B 205 6.31 9.21 -12.04
CA VAL B 205 6.47 10.64 -12.32
C VAL B 205 5.74 11.00 -13.62
N PRO B 206 4.87 12.02 -13.57
CA PRO B 206 4.12 12.47 -14.75
C PRO B 206 5.01 13.12 -15.80
N GLU B 207 4.39 13.64 -16.86
CA GLU B 207 5.12 14.28 -17.94
C GLU B 207 5.84 15.51 -17.39
N GLY B 208 7.16 15.47 -17.41
CA GLY B 208 7.94 16.57 -16.90
C GLY B 208 7.56 16.86 -15.46
N GLY B 209 7.58 15.82 -14.63
CA GLY B 209 7.22 15.97 -13.24
C GLY B 209 8.44 16.22 -12.35
N GLN B 210 8.44 15.62 -11.18
CA GLN B 210 9.56 15.78 -10.25
C GLN B 210 10.40 14.52 -10.25
N LYS B 211 11.50 14.54 -11.00
CA LYS B 211 12.39 13.39 -11.08
C LYS B 211 13.14 13.21 -9.77
N GLU B 212 13.45 14.32 -9.10
CA GLU B 212 14.18 14.29 -7.84
C GLU B 212 13.48 13.45 -6.78
N ARG B 213 12.17 13.64 -6.62
CA ARG B 213 11.42 12.89 -5.62
C ARG B 213 11.72 11.40 -5.69
N ARG B 214 11.27 10.76 -6.77
CA ARG B 214 11.47 9.34 -6.95
C ARG B 214 12.94 8.95 -6.82
N LEU B 215 13.83 9.74 -7.40
CA LEU B 215 15.25 9.43 -7.34
C LEU B 215 15.66 9.39 -5.87
N GLY B 216 15.12 10.33 -5.10
CA GLY B 216 15.43 10.37 -3.69
C GLY B 216 14.93 9.12 -2.97
N ALA B 217 13.74 8.67 -3.33
CA ALA B 217 13.15 7.49 -2.71
C ALA B 217 13.86 6.19 -3.06
N ILE B 218 14.49 6.15 -4.24
CA ILE B 218 15.18 4.96 -4.68
C ILE B 218 16.63 4.91 -4.21
N CYS B 219 17.27 6.08 -4.13
CA CYS B 219 18.67 6.15 -3.72
C CYS B 219 18.92 6.93 -2.43
N GLY B 220 17.84 7.41 -1.80
CA GLY B 220 18.00 8.15 -0.57
C GLY B 220 18.44 9.58 -0.78
N THR B 221 18.22 10.41 0.24
CA THR B 221 18.58 11.82 0.19
C THR B 221 20.09 12.02 0.16
N ALA B 222 20.82 11.05 0.70
CA ALA B 222 22.29 11.13 0.73
C ALA B 222 22.84 11.44 -0.67
N PHE B 223 22.44 10.63 -1.64
CA PHE B 223 22.86 10.80 -3.02
C PHE B 223 22.14 12.01 -3.60
N LEU B 224 20.82 12.02 -3.45
CA LEU B 224 20.01 13.11 -3.96
C LEU B 224 20.62 14.47 -3.66
N GLU B 225 21.24 14.60 -2.49
CA GLU B 225 21.85 15.85 -2.10
C GLU B 225 23.12 16.15 -2.89
N GLN B 226 23.84 15.11 -3.27
CA GLN B 226 25.08 15.28 -4.01
C GLN B 226 24.86 15.14 -5.51
N ALA B 227 23.62 14.86 -5.90
CA ALA B 227 23.27 14.68 -7.31
C ALA B 227 23.48 15.92 -8.17
N LEU B 228 24.24 15.74 -9.23
CA LEU B 228 24.51 16.81 -10.18
C LEU B 228 23.83 16.35 -11.46
N ALA B 229 22.67 16.93 -11.75
CA ALA B 229 21.91 16.55 -12.94
C ALA B 229 22.66 16.89 -14.23
N ILE B 230 22.66 15.95 -15.17
CA ILE B 230 23.34 16.14 -16.44
C ILE B 230 22.47 15.76 -17.66
N GLU B 231 22.48 16.64 -18.66
CA GLU B 231 21.73 16.42 -19.90
C GLU B 231 22.63 16.72 -21.08
N TRP B 232 23.11 15.66 -21.74
CA TRP B 232 24.00 15.80 -22.88
C TRP B 232 23.37 15.16 -24.11
N GLN B 233 23.77 15.64 -25.27
CA GLN B 233 23.29 15.10 -26.53
C GLN B 233 24.15 15.57 -27.68
N HIS B 234 24.57 14.63 -28.50
CA HIS B 234 25.40 14.87 -29.67
C HIS B 234 24.87 13.94 -30.76
N GLY B 235 23.77 14.33 -31.37
CA GLY B 235 23.21 13.49 -32.41
C GLY B 235 22.44 12.33 -31.80
N ASP B 236 22.87 11.11 -32.13
CA ASP B 236 22.23 9.91 -31.62
C ASP B 236 22.58 9.69 -30.15
N LEU B 237 23.75 10.19 -29.76
CA LEU B 237 24.24 10.06 -28.39
C LEU B 237 23.54 10.97 -27.40
N THR B 238 22.99 10.38 -26.35
CA THR B 238 22.29 11.12 -25.31
C THR B 238 22.71 10.58 -23.95
N LEU B 239 23.09 11.48 -23.05
CA LEU B 239 23.49 11.09 -21.71
C LEU B 239 22.78 11.90 -20.64
N ARG B 240 21.78 11.30 -20.02
CA ARG B 240 21.03 11.97 -18.96
C ARG B 240 21.27 11.25 -17.64
N GLY B 241 20.79 11.82 -16.54
CA GLY B 241 20.98 11.20 -15.25
C GLY B 241 21.70 12.08 -14.25
N TRP B 242 22.31 11.47 -13.24
CA TRP B 242 23.02 12.24 -12.23
C TRP B 242 24.36 11.67 -11.86
N VAL B 243 25.19 12.54 -11.30
CA VAL B 243 26.51 12.17 -10.84
C VAL B 243 26.75 12.98 -9.57
N ALA B 244 27.09 12.29 -8.49
CA ALA B 244 27.32 12.94 -7.22
C ALA B 244 28.62 13.73 -7.22
N ASP B 245 28.59 14.90 -6.57
CA ASP B 245 29.76 15.74 -6.46
C ASP B 245 30.88 14.86 -5.91
N PRO B 246 31.90 14.56 -6.73
CA PRO B 246 33.02 13.72 -6.28
C PRO B 246 33.56 14.15 -4.92
N ASN B 247 33.90 15.43 -4.81
CA ASN B 247 34.43 15.98 -3.59
C ASN B 247 33.64 15.52 -2.37
N HIS B 248 32.36 15.27 -2.55
CA HIS B 248 31.51 14.83 -1.46
C HIS B 248 30.92 13.45 -1.66
N THR B 249 31.70 12.55 -2.26
CA THR B 249 31.24 11.19 -2.50
C THR B 249 31.86 10.24 -1.48
N THR B 250 31.02 9.74 -0.58
CA THR B 250 31.46 8.80 0.44
C THR B 250 31.37 7.41 -0.16
N PRO B 251 32.22 6.49 0.31
CA PRO B 251 32.21 5.11 -0.19
C PRO B 251 30.82 4.48 -0.10
N ALA B 252 29.98 5.04 0.76
CA ALA B 252 28.62 4.56 0.92
C ALA B 252 27.85 4.96 -0.31
N LEU B 253 28.07 6.19 -0.75
CA LEU B 253 27.41 6.74 -1.92
C LEU B 253 27.89 6.02 -3.18
N ALA B 254 29.19 5.74 -3.24
CA ALA B 254 29.78 5.06 -4.39
C ALA B 254 29.14 3.70 -4.61
N GLU B 255 28.19 3.36 -3.74
CA GLU B 255 27.47 2.09 -3.84
C GLU B 255 26.48 2.22 -4.99
N ILE B 256 26.06 3.45 -5.24
CA ILE B 256 25.12 3.75 -6.31
C ILE B 256 25.83 3.97 -7.64
N GLN B 257 25.81 2.94 -8.48
CA GLN B 257 26.44 3.03 -9.77
C GLN B 257 25.56 2.29 -10.75
N TYR B 258 24.51 2.98 -11.18
CA TYR B 258 23.57 2.42 -12.14
C TYR B 258 23.71 3.14 -13.47
N CYS B 259 23.88 2.36 -14.53
CA CYS B 259 24.04 2.90 -15.86
C CYS B 259 23.19 2.10 -16.84
N TYR B 260 22.28 2.79 -17.53
CA TYR B 260 21.41 2.13 -18.49
C TYR B 260 21.70 2.55 -19.92
N VAL B 261 21.89 1.57 -20.79
CA VAL B 261 22.16 1.87 -22.18
C VAL B 261 20.92 1.54 -23.01
N ASN B 262 20.12 2.57 -23.26
CA ASN B 262 18.89 2.42 -24.04
C ASN B 262 17.90 1.55 -23.28
N GLY B 263 17.69 1.89 -22.01
CA GLY B 263 16.75 1.14 -21.19
C GLY B 263 17.30 -0.08 -20.49
N ARG B 264 18.27 -0.75 -21.13
CA ARG B 264 18.86 -1.95 -20.55
C ARG B 264 20.03 -1.61 -19.64
N MET B 265 19.90 -1.94 -18.36
CA MET B 265 20.96 -1.67 -17.41
C MET B 265 22.23 -2.41 -17.79
N MET B 266 23.23 -1.66 -18.21
CA MET B 266 24.50 -2.26 -18.61
C MET B 266 25.52 -2.11 -17.49
N ARG B 267 26.75 -2.48 -17.80
CA ARG B 267 27.85 -2.40 -16.86
C ARG B 267 29.13 -2.55 -17.66
N ASP B 268 29.57 -1.45 -18.28
CA ASP B 268 30.77 -1.49 -19.09
C ASP B 268 31.90 -0.80 -18.34
N ARG B 269 33.05 -1.46 -18.30
CA ARG B 269 34.20 -0.88 -17.60
C ARG B 269 34.62 0.39 -18.33
N LEU B 270 34.35 0.44 -19.63
CA LEU B 270 34.69 1.59 -20.45
C LEU B 270 33.89 2.81 -20.00
N ILE B 271 32.58 2.63 -19.87
CA ILE B 271 31.71 3.72 -19.44
C ILE B 271 32.14 4.19 -18.07
N ASN B 272 32.48 3.23 -17.21
CA ASN B 272 32.90 3.55 -15.86
C ASN B 272 34.22 4.31 -15.84
N HIS B 273 35.18 3.87 -16.66
CA HIS B 273 36.46 4.54 -16.71
C HIS B 273 36.26 5.99 -17.11
N ALA B 274 35.38 6.22 -18.09
CA ALA B 274 35.09 7.56 -18.57
C ALA B 274 34.61 8.45 -17.44
N ILE B 275 33.59 7.98 -16.72
CA ILE B 275 33.04 8.73 -15.59
C ILE B 275 34.12 8.96 -14.53
N ARG B 276 34.91 7.92 -14.27
CA ARG B 276 35.97 8.01 -13.29
C ARG B 276 36.95 9.10 -13.70
N GLN B 277 37.64 8.87 -14.82
CA GLN B 277 38.62 9.80 -15.35
C GLN B 277 38.11 11.24 -15.30
N ALA B 278 36.84 11.42 -15.59
CA ALA B 278 36.24 12.75 -15.57
C ALA B 278 36.39 13.37 -14.19
N CYS B 279 36.11 12.58 -13.17
CA CYS B 279 36.19 13.04 -11.77
C CYS B 279 37.65 13.16 -11.30
N GLU B 280 38.50 12.24 -11.74
CA GLU B 280 39.90 12.28 -11.35
C GLU B 280 40.55 13.49 -12.00
N ASP B 281 39.94 13.99 -13.06
CA ASP B 281 40.46 15.15 -13.76
C ASP B 281 39.99 16.44 -13.12
N LYS B 282 38.77 16.45 -12.58
CA LYS B 282 38.26 17.65 -11.92
C LYS B 282 39.14 17.90 -10.71
N LEU B 283 39.44 16.82 -9.99
CA LEU B 283 40.30 16.84 -8.83
C LEU B 283 41.05 15.52 -8.84
N GLY B 284 42.31 15.53 -8.46
CA GLY B 284 43.12 14.32 -8.44
C GLY B 284 42.51 13.16 -7.67
N ALA B 285 41.33 13.37 -7.09
CA ALA B 285 40.63 12.35 -6.31
C ALA B 285 40.26 11.10 -7.11
N ASP B 286 41.10 10.08 -7.02
CA ASP B 286 40.84 8.83 -7.73
C ASP B 286 40.08 7.89 -6.80
N GLN B 287 38.80 7.68 -7.08
CA GLN B 287 37.97 6.80 -6.26
C GLN B 287 36.60 6.61 -6.91
N GLN B 288 35.97 5.48 -6.59
CA GLN B 288 34.66 5.14 -7.13
C GLN B 288 33.66 6.29 -7.04
N PRO B 289 33.03 6.64 -8.18
CA PRO B 289 32.04 7.72 -8.25
C PRO B 289 30.63 7.19 -8.06
N ALA B 290 29.73 8.09 -7.66
CA ALA B 290 28.33 7.70 -7.46
C ALA B 290 27.55 8.32 -8.61
N PHE B 291 26.73 7.52 -9.26
CA PHE B 291 25.96 8.01 -10.40
C PHE B 291 24.80 7.12 -10.77
N VAL B 292 23.95 7.65 -11.62
CA VAL B 292 22.80 6.95 -12.14
C VAL B 292 22.60 7.59 -13.50
N LEU B 293 23.25 7.02 -14.51
CA LEU B 293 23.18 7.58 -15.85
C LEU B 293 22.37 6.77 -16.84
N TYR B 294 21.93 7.45 -17.88
CA TYR B 294 21.13 6.85 -18.96
C TYR B 294 21.74 7.22 -20.32
N LEU B 295 22.38 6.24 -20.95
CA LEU B 295 22.99 6.47 -22.25
C LEU B 295 22.07 6.00 -23.36
N GLU B 296 22.02 6.77 -24.43
CA GLU B 296 21.17 6.46 -25.58
C GLU B 296 22.00 6.63 -26.84
N ILE B 297 21.95 5.63 -27.71
CA ILE B 297 22.71 5.67 -28.96
C ILE B 297 21.96 4.85 -30.00
N ASP B 298 22.32 5.02 -31.27
CA ASP B 298 21.68 4.27 -32.34
C ASP B 298 22.20 2.84 -32.28
N PRO B 299 21.32 1.83 -32.46
CA PRO B 299 21.69 0.41 -32.41
C PRO B 299 23.16 0.13 -32.74
N HIS B 300 23.95 -0.16 -31.70
CA HIS B 300 25.38 -0.43 -31.85
C HIS B 300 25.92 -1.27 -30.68
N GLN B 301 25.71 -2.59 -30.73
CA GLN B 301 26.15 -3.51 -29.67
C GLN B 301 27.65 -3.67 -29.43
N VAL B 302 28.04 -3.53 -28.16
CA VAL B 302 29.43 -3.66 -27.73
C VAL B 302 29.51 -4.49 -26.46
N HIS B 316 37.07 3.79 -32.62
CA HIS B 316 36.25 5.04 -32.72
C HIS B 316 34.77 4.70 -32.60
N GLN B 317 34.39 3.51 -33.05
CA GLN B 317 33.00 3.06 -32.99
C GLN B 317 32.52 3.12 -31.53
N SER B 318 33.46 2.92 -30.62
CA SER B 318 33.16 2.95 -29.19
C SER B 318 34.12 3.87 -28.44
N ARG B 319 35.14 4.38 -29.11
CA ARG B 319 36.08 5.27 -28.44
C ARG B 319 35.40 6.59 -28.17
N LEU B 320 34.82 7.17 -29.22
CA LEU B 320 34.15 8.45 -29.10
C LEU B 320 33.18 8.44 -27.94
N VAL B 321 32.36 7.40 -27.87
CA VAL B 321 31.38 7.25 -26.81
C VAL B 321 32.02 7.59 -25.48
N HIS B 322 33.22 7.08 -25.27
CA HIS B 322 33.96 7.33 -24.04
C HIS B 322 34.14 8.82 -23.85
N ASP B 323 34.60 9.51 -24.90
CA ASP B 323 34.82 10.94 -24.85
C ASP B 323 33.53 11.72 -24.64
N PHE B 324 32.45 11.25 -25.25
CA PHE B 324 31.15 11.90 -25.12
C PHE B 324 30.77 11.92 -23.65
N ILE B 325 30.91 10.78 -23.00
CA ILE B 325 30.58 10.64 -21.58
C ILE B 325 31.55 11.46 -20.75
N TYR B 326 32.83 11.22 -20.93
CA TYR B 326 33.86 11.94 -20.21
C TYR B 326 33.56 13.43 -20.29
N GLN B 327 33.22 13.87 -21.49
CA GLN B 327 32.90 15.26 -21.75
C GLN B 327 31.66 15.68 -21.00
N GLY B 328 30.59 14.91 -21.18
CA GLY B 328 29.35 15.23 -20.51
C GLY B 328 29.56 15.47 -19.04
N VAL B 329 30.06 14.44 -18.36
CA VAL B 329 30.33 14.48 -16.92
C VAL B 329 31.26 15.62 -16.53
N LEU B 330 32.48 15.58 -17.05
CA LEU B 330 33.47 16.60 -16.74
C LEU B 330 32.87 18.02 -16.77
N SER B 331 32.03 18.26 -17.77
CA SER B 331 31.39 19.56 -17.91
C SER B 331 30.54 19.93 -16.71
N VAL B 332 29.69 18.99 -16.31
CA VAL B 332 28.80 19.21 -15.18
C VAL B 332 29.56 19.55 -13.90
N LEU B 333 30.75 18.97 -13.76
CA LEU B 333 31.58 19.21 -12.58
C LEU B 333 32.15 20.62 -12.55
N GLN B 334 32.44 21.18 -13.72
CA GLN B 334 33.00 22.52 -13.82
C GLN B 334 31.92 23.58 -14.03
#